data_1G73
#
_entry.id   1G73
#
_cell.length_a   48.1
_cell.length_b   52.9
_cell.length_c   67.1
_cell.angle_alpha   100.0
_cell.angle_beta   104.1
_cell.angle_gamma   94.0
#
_symmetry.space_group_name_H-M   'P 1'
#
loop_
_entity.id
_entity.type
_entity.pdbx_description
1 polymer 'SECOND MITOCHONDRIA-DERIVED ACTIVATOR OF CASPASES'
2 polymer 'INHIBITORS OF APOPTOSIS-LIKE PROTEIN ILP'
3 non-polymer 'ZINC ION'
#
loop_
_entity_poly.entity_id
_entity_poly.type
_entity_poly.pdbx_seq_one_letter_code
_entity_poly.pdbx_strand_id
1 'polypeptide(L)'
;AVPIAQKSEPHSLSSEALMRRAVSLVTDSTSTDLSQTTYALIEAITEYTKAVYTLTSLYRQYTSLLGKMNSEEEDEVWQV
IIGARAEMTSKHQEYLKLETTWMTAVGLSEMAAEAAYQTGADQASITARNHIQLVKLQVEEVHQLSRKAETKLAEAQIEE
LR
;
A,B
2 'polypeptide(L)'
;RSESDAVSSDRNFPNSTNLPRNPSMADYEARIFTFGTWIYSVNKEQLARAGFYALGEGDKVKCFHCGGGLTDWKPSEDPW
EQHAKWYPGCKYLLEQKGQEYINNIHLTHSLEECLVRTTEK
;
C,D
#
# COMPACT_ATOMS: atom_id res chain seq x y z
N ALA A 1 -21.42 -28.26 8.53
CA ALA A 1 -20.21 -28.04 9.37
C ALA A 1 -20.30 -26.75 10.17
N VAL A 2 -19.51 -26.69 11.23
CA VAL A 2 -19.49 -25.55 12.11
C VAL A 2 -18.03 -25.14 12.30
N PRO A 3 -17.76 -23.85 12.60
CA PRO A 3 -16.36 -23.50 12.78
C PRO A 3 -15.76 -24.24 13.98
N ILE A 4 -14.44 -24.41 13.93
CA ILE A 4 -13.68 -25.08 14.97
C ILE A 4 -13.36 -24.05 16.06
N ALA A 5 -13.84 -24.29 17.27
CA ALA A 5 -13.56 -23.37 18.37
C ALA A 5 -12.10 -23.57 18.76
N GLN A 6 -11.33 -22.49 18.79
CA GLN A 6 -9.90 -22.60 19.14
C GLN A 6 -9.40 -21.51 20.06
N LYS A 7 -8.12 -21.18 19.85
CA LYS A 7 -7.40 -20.15 20.60
C LYS A 7 -6.30 -20.74 21.49
N SER A 8 -5.07 -20.25 21.32
CA SER A 8 -3.91 -20.70 22.10
C SER A 8 -2.67 -19.81 21.86
N GLU A 9 -2.35 -19.55 20.59
CA GLU A 9 -1.21 -18.70 20.26
C GLU A 9 -1.61 -17.25 20.59
N PRO A 10 -0.70 -16.45 21.18
CA PRO A 10 -1.02 -15.06 21.52
C PRO A 10 -0.92 -14.12 20.31
N HIS A 11 -0.31 -14.60 19.24
CA HIS A 11 -0.12 -13.78 18.04
C HIS A 11 0.67 -12.60 18.54
N SER A 12 1.87 -12.89 19.03
CA SER A 12 2.72 -11.88 19.63
C SER A 12 4.03 -11.48 18.98
N LEU A 13 4.05 -11.19 17.68
CA LEU A 13 5.31 -10.74 17.10
C LEU A 13 5.46 -9.30 17.58
N SER A 14 6.64 -8.92 18.03
CA SER A 14 6.84 -7.56 18.48
C SER A 14 6.41 -6.61 17.36
N SER A 15 6.77 -6.98 16.13
CA SER A 15 6.46 -6.22 14.91
C SER A 15 4.98 -5.96 14.74
N GLU A 16 4.18 -6.92 15.17
CA GLU A 16 2.73 -6.85 15.06
C GLU A 16 2.20 -5.75 15.97
N ALA A 17 2.74 -5.71 17.19
CA ALA A 17 2.35 -4.73 18.19
C ALA A 17 2.78 -3.34 17.75
N LEU A 18 4.05 -3.21 17.39
CA LEU A 18 4.59 -1.95 16.94
C LEU A 18 3.78 -1.42 15.77
N MET A 19 3.49 -2.29 14.80
CA MET A 19 2.74 -1.91 13.61
C MET A 19 1.34 -1.43 13.93
N ARG A 20 0.65 -2.09 14.86
CA ARG A 20 -0.69 -1.67 15.21
C ARG A 20 -0.70 -0.33 15.94
N ARG A 21 0.22 -0.11 16.88
CA ARG A 21 0.22 1.17 17.54
C ARG A 21 0.68 2.25 16.58
N ALA A 22 1.65 1.94 15.73
CA ALA A 22 2.13 2.92 14.76
C ALA A 22 0.96 3.41 13.91
N VAL A 23 0.15 2.48 13.41
CA VAL A 23 -1.00 2.82 12.58
C VAL A 23 -1.92 3.79 13.28
N SER A 24 -2.17 3.56 14.56
CA SER A 24 -3.06 4.41 15.34
C SER A 24 -2.52 5.80 15.65
N LEU A 25 -1.24 5.90 16.00
CA LEU A 25 -0.65 7.18 16.33
C LEU A 25 -0.56 8.04 15.07
N VAL A 26 -0.19 7.40 13.97
CA VAL A 26 -0.04 8.09 12.70
C VAL A 26 -1.40 8.48 12.10
N THR A 27 -2.43 7.63 12.21
CA THR A 27 -3.71 8.04 11.65
C THR A 27 -4.20 9.30 12.40
N ASP A 28 -3.90 9.42 13.69
CA ASP A 28 -4.34 10.57 14.47
C ASP A 28 -3.55 11.81 14.12
N SER A 29 -2.23 11.62 14.04
CA SER A 29 -1.34 12.70 13.71
C SER A 29 -1.66 13.26 12.32
N THR A 30 -1.99 12.40 11.37
CA THR A 30 -2.28 12.86 10.03
C THR A 30 -3.67 13.49 9.96
N SER A 31 -4.57 13.00 10.80
CA SER A 31 -5.94 13.54 10.85
C SER A 31 -5.82 15.00 11.23
N THR A 32 -5.04 15.23 12.27
CA THR A 32 -4.79 16.55 12.81
C THR A 32 -4.14 17.49 11.78
N ASP A 33 -3.08 17.01 11.13
CA ASP A 33 -2.37 17.78 10.14
C ASP A 33 -3.22 18.07 8.91
N LEU A 34 -4.10 17.14 8.55
CA LEU A 34 -4.93 17.31 7.36
C LEU A 34 -5.97 18.42 7.54
N SER A 35 -6.59 18.41 8.70
CA SER A 35 -7.59 19.39 9.06
C SER A 35 -6.93 20.75 9.17
N GLN A 36 -5.83 20.78 9.92
CA GLN A 36 -5.07 22.00 10.11
C GLN A 36 -4.57 22.61 8.79
N THR A 37 -3.98 21.78 7.92
CA THR A 37 -3.44 22.27 6.66
C THR A 37 -4.51 22.61 5.65
N THR A 38 -5.61 21.87 5.64
CA THR A 38 -6.70 22.12 4.72
C THR A 38 -7.32 23.47 5.05
N TYR A 39 -7.45 23.76 6.34
CA TYR A 39 -8.01 25.04 6.78
C TYR A 39 -7.08 26.19 6.32
N ALA A 40 -5.79 26.09 6.63
CA ALA A 40 -4.84 27.10 6.23
C ALA A 40 -4.81 27.31 4.72
N LEU A 41 -4.84 26.25 3.93
CA LEU A 41 -4.81 26.37 2.48
C LEU A 41 -6.07 27.05 1.93
N ILE A 42 -7.23 26.60 2.37
CA ILE A 42 -8.47 27.20 1.92
C ILE A 42 -8.50 28.71 2.27
N GLU A 43 -8.03 29.05 3.47
CA GLU A 43 -8.00 30.42 3.94
C GLU A 43 -7.09 31.30 3.08
N ALA A 44 -5.96 30.71 2.68
CA ALA A 44 -5.00 31.43 1.85
C ALA A 44 -5.52 31.58 0.45
N ILE A 45 -6.27 30.59 -0.03
CA ILE A 45 -6.83 30.69 -1.39
C ILE A 45 -7.95 31.75 -1.36
N THR A 46 -8.70 31.79 -0.27
CA THR A 46 -9.79 32.75 -0.14
C THR A 46 -9.22 34.18 -0.07
N GLU A 47 -8.13 34.38 0.66
CA GLU A 47 -7.48 35.69 0.79
C GLU A 47 -6.84 36.08 -0.54
N TYR A 48 -6.32 35.08 -1.25
CA TYR A 48 -5.69 35.32 -2.54
C TYR A 48 -6.77 35.77 -3.52
N THR A 49 -7.89 35.05 -3.50
CA THR A 49 -9.01 35.35 -4.37
C THR A 49 -9.50 36.77 -4.14
N LYS A 50 -9.51 37.22 -2.90
CA LYS A 50 -9.94 38.59 -2.60
C LYS A 50 -9.00 39.60 -3.28
N ALA A 51 -7.71 39.31 -3.22
CA ALA A 51 -6.69 40.17 -3.82
C ALA A 51 -6.87 40.18 -5.34
N VAL A 52 -7.42 39.10 -5.87
CA VAL A 52 -7.60 39.02 -7.29
C VAL A 52 -8.77 39.87 -7.74
N TYR A 53 -9.95 39.64 -7.17
CA TYR A 53 -11.09 40.42 -7.62
C TYR A 53 -11.01 41.89 -7.23
N THR A 54 -10.11 42.21 -6.31
CA THR A 54 -9.92 43.60 -5.94
C THR A 54 -9.24 44.25 -7.14
N LEU A 55 -8.17 43.60 -7.62
CA LEU A 55 -7.45 44.09 -8.79
C LEU A 55 -8.36 44.10 -10.01
N THR A 56 -9.26 43.13 -10.10
CA THR A 56 -10.19 43.06 -11.23
C THR A 56 -11.08 44.30 -11.24
N SER A 57 -11.55 44.70 -10.06
CA SER A 57 -12.42 45.88 -9.95
C SER A 57 -11.62 47.15 -10.23
N LEU A 58 -10.36 47.18 -9.79
CA LEU A 58 -9.52 48.34 -10.04
C LEU A 58 -9.37 48.54 -11.56
N TYR A 59 -9.18 47.44 -12.29
CA TYR A 59 -9.01 47.47 -13.74
C TYR A 59 -10.31 47.87 -14.42
N ARG A 60 -11.43 47.29 -14.00
CA ARG A 60 -12.73 47.65 -14.58
C ARG A 60 -12.97 49.16 -14.44
N GLN A 61 -12.59 49.72 -13.30
CA GLN A 61 -12.77 51.15 -13.06
C GLN A 61 -11.84 51.97 -13.95
N TYR A 62 -10.54 51.65 -13.93
CA TYR A 62 -9.56 52.37 -14.76
C TYR A 62 -10.00 52.36 -16.23
N THR A 63 -10.53 51.21 -16.68
CA THR A 63 -11.00 51.04 -18.04
C THR A 63 -12.17 52.00 -18.29
N SER A 64 -13.08 52.06 -17.31
CA SER A 64 -14.25 52.93 -17.38
C SER A 64 -13.81 54.40 -17.47
N LEU A 65 -12.74 54.74 -16.76
CA LEU A 65 -12.24 56.11 -16.76
C LEU A 65 -11.30 56.47 -17.89
N LEU A 66 -11.16 55.58 -18.87
CA LEU A 66 -10.27 55.82 -20.01
C LEU A 66 -10.72 57.05 -20.80
N GLY A 67 -9.89 58.09 -20.75
CA GLY A 67 -10.21 59.33 -21.45
C GLY A 67 -10.65 60.37 -20.45
N LYS A 68 -11.55 59.96 -19.58
CA LYS A 68 -12.10 60.82 -18.54
C LYS A 68 -11.01 61.31 -17.58
N MET A 69 -9.94 60.51 -17.41
CA MET A 69 -8.84 60.89 -16.50
C MET A 69 -7.84 61.81 -17.18
N ASN A 70 -6.97 62.41 -16.36
CA ASN A 70 -5.95 63.30 -16.90
C ASN A 70 -4.61 63.21 -16.17
N SER A 71 -3.55 63.00 -16.95
CA SER A 71 -2.16 62.88 -16.48
C SER A 71 -1.95 62.34 -15.08
N GLU A 72 -1.99 63.24 -14.09
CA GLU A 72 -1.80 62.88 -12.68
C GLU A 72 -2.77 61.80 -12.16
N GLU A 73 -4.04 61.90 -12.57
CA GLU A 73 -5.06 60.95 -12.14
C GLU A 73 -4.77 59.54 -12.64
N GLU A 74 -4.49 59.42 -13.94
CA GLU A 74 -4.18 58.14 -14.56
C GLU A 74 -2.95 57.54 -13.88
N ASP A 75 -2.07 58.41 -13.40
CA ASP A 75 -0.88 57.92 -12.75
C ASP A 75 -1.20 57.39 -11.36
N GLU A 76 -2.09 58.09 -10.64
CA GLU A 76 -2.49 57.71 -9.28
C GLU A 76 -3.32 56.42 -9.25
N VAL A 77 -4.11 56.22 -10.29
CA VAL A 77 -4.91 55.03 -10.41
C VAL A 77 -3.92 53.87 -10.59
N TRP A 78 -2.94 54.08 -11.47
CA TRP A 78 -1.92 53.06 -11.74
C TRP A 78 -1.07 52.67 -10.51
N GLN A 79 -0.78 53.62 -9.64
CA GLN A 79 0.02 53.28 -8.47
C GLN A 79 -0.77 52.36 -7.59
N VAL A 80 -2.09 52.52 -7.62
CA VAL A 80 -2.95 51.70 -6.80
C VAL A 80 -2.99 50.30 -7.41
N ILE A 81 -3.03 50.22 -8.74
CA ILE A 81 -3.03 48.91 -9.41
C ILE A 81 -1.68 48.21 -9.15
N ILE A 82 -0.61 48.99 -9.11
CA ILE A 82 0.70 48.42 -8.84
C ILE A 82 0.73 47.79 -7.44
N GLY A 83 0.27 48.54 -6.44
CA GLY A 83 0.24 48.02 -5.09
C GLY A 83 -0.70 46.84 -4.92
N ALA A 84 -1.79 46.84 -5.67
CA ALA A 84 -2.77 45.76 -5.63
C ALA A 84 -2.17 44.50 -6.26
N ARG A 85 -1.49 44.69 -7.39
CA ARG A 85 -0.82 43.62 -8.12
C ARG A 85 0.16 42.96 -7.13
N ALA A 86 0.95 43.77 -6.45
CA ALA A 86 1.92 43.25 -5.49
C ALA A 86 1.29 42.46 -4.36
N GLU A 87 0.11 42.89 -3.90
CA GLU A 87 -0.60 42.21 -2.83
C GLU A 87 -1.04 40.81 -3.27
N MET A 88 -1.63 40.75 -4.46
CA MET A 88 -2.12 39.52 -5.04
C MET A 88 -0.97 38.54 -5.21
N THR A 89 0.17 39.06 -5.64
CA THR A 89 1.35 38.23 -5.82
C THR A 89 1.78 37.62 -4.49
N SER A 90 1.87 38.44 -3.46
CA SER A 90 2.27 37.94 -2.14
C SER A 90 1.28 36.91 -1.57
N LYS A 91 0.00 37.11 -1.83
CA LYS A 91 -1.01 36.17 -1.36
C LYS A 91 -0.91 34.88 -2.19
N HIS A 92 -0.57 35.00 -3.47
CA HIS A 92 -0.42 33.83 -4.34
C HIS A 92 0.74 32.95 -3.84
N GLN A 93 1.85 33.60 -3.56
CA GLN A 93 3.06 32.96 -3.07
C GLN A 93 2.76 32.16 -1.81
N GLU A 94 2.07 32.78 -0.86
CA GLU A 94 1.71 32.11 0.38
C GLU A 94 0.81 30.90 0.13
N TYR A 95 -0.15 31.07 -0.76
CA TYR A 95 -1.09 30.01 -1.11
C TYR A 95 -0.38 28.81 -1.78
N LEU A 96 0.61 29.05 -2.63
CA LEU A 96 1.32 27.96 -3.27
C LEU A 96 2.11 27.17 -2.22
N LYS A 97 2.75 27.90 -1.31
CA LYS A 97 3.52 27.28 -0.23
C LYS A 97 2.66 26.28 0.55
N LEU A 98 1.48 26.72 0.97
CA LEU A 98 0.56 25.91 1.75
C LEU A 98 -0.10 24.81 0.92
N GLU A 99 -0.12 24.98 -0.39
CA GLU A 99 -0.75 23.96 -1.23
C GLU A 99 0.16 22.73 -1.27
N THR A 100 1.47 22.98 -1.22
CA THR A 100 2.44 21.92 -1.25
C THR A 100 2.36 21.15 0.06
N THR A 101 2.23 21.90 1.15
CA THR A 101 2.15 21.32 2.48
C THR A 101 0.93 20.46 2.67
N TRP A 102 -0.18 20.88 2.08
CA TRP A 102 -1.43 20.16 2.14
C TRP A 102 -1.30 18.86 1.33
N MET A 103 -0.57 18.93 0.23
CA MET A 103 -0.34 17.79 -0.63
C MET A 103 0.38 16.68 0.16
N THR A 104 1.34 17.08 0.99
CA THR A 104 2.08 16.16 1.83
C THR A 104 1.16 15.57 2.91
N ALA A 105 0.39 16.42 3.57
CA ALA A 105 -0.53 15.96 4.60
C ALA A 105 -1.53 15.00 4.03
N VAL A 106 -1.99 15.24 2.81
CA VAL A 106 -2.97 14.37 2.18
C VAL A 106 -2.27 13.06 1.88
N GLY A 107 -1.07 13.13 1.33
CA GLY A 107 -0.36 11.91 1.01
C GLY A 107 -0.14 11.07 2.25
N LEU A 108 0.27 11.73 3.33
CA LEU A 108 0.54 11.05 4.60
C LEU A 108 -0.71 10.44 5.23
N SER A 109 -1.87 11.07 4.98
CA SER A 109 -3.13 10.58 5.50
C SER A 109 -3.56 9.35 4.72
N GLU A 110 -3.24 9.33 3.44
CA GLU A 110 -3.65 8.21 2.62
C GLU A 110 -2.80 6.99 2.97
N MET A 111 -1.54 7.25 3.29
CA MET A 111 -0.62 6.21 3.68
C MET A 111 -1.20 5.55 4.94
N ALA A 112 -1.55 6.38 5.93
CA ALA A 112 -2.09 5.87 7.18
C ALA A 112 -3.38 5.11 6.97
N ALA A 113 -4.25 5.62 6.10
CA ALA A 113 -5.52 4.95 5.83
C ALA A 113 -5.28 3.57 5.26
N GLU A 114 -4.34 3.48 4.30
CA GLU A 114 -4.02 2.22 3.66
C GLU A 114 -3.41 1.27 4.67
N ALA A 115 -2.62 1.80 5.60
CA ALA A 115 -2.00 0.95 6.60
C ALA A 115 -3.07 0.43 7.52
N ALA A 116 -3.99 1.29 7.96
CA ALA A 116 -5.04 0.86 8.86
C ALA A 116 -5.85 -0.21 8.16
N TYR A 117 -6.03 -0.05 6.86
CA TYR A 117 -6.75 -1.04 6.09
C TYR A 117 -5.96 -2.36 6.12
N GLN A 118 -4.68 -2.32 5.76
CA GLN A 118 -3.83 -3.52 5.75
C GLN A 118 -3.87 -4.27 7.07
N THR A 119 -3.79 -3.54 8.18
CA THR A 119 -3.76 -4.14 9.49
C THR A 119 -5.14 -4.53 10.00
N GLY A 120 -6.13 -4.37 9.14
CA GLY A 120 -7.48 -4.71 9.52
C GLY A 120 -8.24 -3.72 10.35
N ALA A 121 -7.69 -2.52 10.58
CA ALA A 121 -8.40 -1.51 11.38
C ALA A 121 -9.41 -0.73 10.52
N ASP A 122 -10.38 -1.42 9.93
CA ASP A 122 -11.40 -0.81 9.07
C ASP A 122 -12.04 0.51 9.55
N GLN A 123 -12.30 0.60 10.84
CA GLN A 123 -12.90 1.80 11.43
C GLN A 123 -12.04 3.05 11.19
N ALA A 124 -10.78 2.98 11.63
CA ALA A 124 -9.85 4.10 11.48
C ALA A 124 -9.62 4.34 9.98
N SER A 125 -9.68 3.26 9.21
CA SER A 125 -9.48 3.32 7.77
C SER A 125 -10.55 4.17 7.11
N ILE A 126 -11.80 3.75 7.28
CA ILE A 126 -12.92 4.46 6.68
C ILE A 126 -13.03 5.92 7.13
N THR A 127 -12.86 6.17 8.42
CA THR A 127 -12.95 7.54 8.92
C THR A 127 -11.97 8.42 8.15
N ALA A 128 -10.70 8.05 8.19
CA ALA A 128 -9.67 8.83 7.50
C ALA A 128 -9.98 8.90 6.00
N ARG A 129 -10.44 7.80 5.44
CA ARG A 129 -10.72 7.79 4.03
C ARG A 129 -11.85 8.73 3.68
N ASN A 130 -12.81 8.86 4.60
CA ASN A 130 -13.97 9.75 4.35
C ASN A 130 -13.54 11.20 4.55
N HIS A 131 -12.66 11.41 5.51
CA HIS A 131 -12.13 12.72 5.82
C HIS A 131 -11.32 13.27 4.62
N ILE A 132 -10.43 12.45 4.08
CA ILE A 132 -9.57 12.84 2.96
C ILE A 132 -10.45 13.20 1.76
N GLN A 133 -11.51 12.42 1.64
CA GLN A 133 -12.50 12.56 0.60
C GLN A 133 -13.12 13.94 0.67
N LEU A 134 -13.65 14.30 1.84
CA LEU A 134 -14.29 15.61 2.05
C LEU A 134 -13.34 16.80 1.82
N VAL A 135 -12.16 16.70 2.41
CA VAL A 135 -11.16 17.74 2.32
C VAL A 135 -10.73 17.98 0.87
N LYS A 136 -10.70 16.92 0.07
CA LYS A 136 -10.30 17.05 -1.31
C LYS A 136 -11.41 17.75 -2.06
N LEU A 137 -12.63 17.38 -1.72
CA LEU A 137 -13.83 17.94 -2.35
C LEU A 137 -13.87 19.46 -2.14
N GLN A 138 -13.77 19.89 -0.89
CA GLN A 138 -13.80 21.29 -0.54
C GLN A 138 -12.65 22.11 -1.13
N VAL A 139 -11.45 21.54 -1.16
CA VAL A 139 -10.32 22.27 -1.70
C VAL A 139 -10.42 22.41 -3.21
N GLU A 140 -11.05 21.46 -3.87
CA GLU A 140 -11.16 21.56 -5.31
C GLU A 140 -12.18 22.65 -5.62
N GLU A 141 -13.28 22.64 -4.89
CA GLU A 141 -14.31 23.65 -5.06
C GLU A 141 -13.76 25.07 -4.84
N VAL A 142 -13.05 25.31 -3.74
CA VAL A 142 -12.52 26.64 -3.55
C VAL A 142 -11.54 27.00 -4.66
N HIS A 143 -10.77 26.03 -5.12
CA HIS A 143 -9.83 26.34 -6.19
C HIS A 143 -10.58 26.76 -7.47
N GLN A 144 -11.68 26.08 -7.76
CA GLN A 144 -12.48 26.38 -8.93
C GLN A 144 -13.04 27.80 -8.85
N LEU A 145 -13.54 28.19 -7.69
CA LEU A 145 -14.08 29.54 -7.51
C LEU A 145 -12.94 30.51 -7.72
N SER A 146 -11.76 30.11 -7.24
CA SER A 146 -10.56 30.91 -7.38
C SER A 146 -10.20 31.12 -8.86
N ARG A 147 -10.42 30.09 -9.69
CA ARG A 147 -10.11 30.17 -11.13
C ARG A 147 -11.07 31.14 -11.79
N LYS A 148 -12.33 31.10 -11.34
CA LYS A 148 -13.36 31.98 -11.89
C LYS A 148 -12.87 33.42 -11.74
N ALA A 149 -12.50 33.78 -10.50
CA ALA A 149 -12.00 35.13 -10.26
C ALA A 149 -10.80 35.45 -11.15
N GLU A 150 -9.89 34.49 -11.33
CA GLU A 150 -8.69 34.75 -12.14
C GLU A 150 -9.07 35.00 -13.58
N THR A 151 -10.09 34.32 -14.05
CA THR A 151 -10.50 34.52 -15.43
C THR A 151 -11.06 35.90 -15.62
N LYS A 152 -11.85 36.38 -14.65
CA LYS A 152 -12.44 37.69 -14.77
C LYS A 152 -11.36 38.76 -14.74
N LEU A 153 -10.30 38.56 -13.96
CA LEU A 153 -9.23 39.54 -13.88
C LEU A 153 -8.62 39.61 -15.28
N ALA A 154 -8.28 38.44 -15.83
CA ALA A 154 -7.71 38.34 -17.18
C ALA A 154 -8.61 39.07 -18.21
N GLU A 155 -9.90 38.75 -18.22
CA GLU A 155 -10.84 39.39 -19.13
C GLU A 155 -10.83 40.90 -18.95
N ALA A 156 -10.64 41.36 -17.72
CA ALA A 156 -10.61 42.79 -17.44
C ALA A 156 -9.28 43.42 -17.81
N GLN A 157 -8.28 42.58 -18.14
CA GLN A 157 -6.96 43.11 -18.52
C GLN A 157 -7.05 43.59 -19.98
N ALA B 1 21.11 29.05 -16.19
CA ALA B 1 20.45 29.26 -14.88
C ALA B 1 21.08 28.41 -13.79
N VAL B 2 20.78 28.76 -12.54
CA VAL B 2 21.32 28.02 -11.42
C VAL B 2 20.17 27.71 -10.44
N PRO B 3 20.24 26.57 -9.73
CA PRO B 3 19.19 26.22 -8.77
C PRO B 3 19.02 27.28 -7.70
N ILE B 4 17.83 27.40 -7.13
CA ILE B 4 17.61 28.40 -6.08
C ILE B 4 18.06 27.87 -4.74
N ALA B 5 19.02 28.56 -4.14
CA ALA B 5 19.56 28.18 -2.85
C ALA B 5 18.48 28.19 -1.79
N GLN B 6 17.62 29.21 -1.88
CA GLN B 6 16.53 29.42 -0.94
C GLN B 6 15.67 28.19 -0.60
N LYS B 7 16.14 27.44 0.41
CA LYS B 7 15.44 26.26 0.93
C LYS B 7 14.93 26.70 2.31
N SER B 8 14.05 27.70 2.31
CA SER B 8 13.49 28.25 3.55
C SER B 8 12.29 27.49 4.10
N GLU B 9 11.79 26.51 3.34
CA GLU B 9 10.64 25.70 3.76
C GLU B 9 11.11 24.59 4.71
N PRO B 10 10.70 24.64 5.99
CA PRO B 10 11.10 23.63 6.98
C PRO B 10 10.78 22.16 6.64
N HIS B 11 9.61 21.94 6.05
CA HIS B 11 9.15 20.61 5.65
C HIS B 11 9.09 19.69 6.85
N SER B 12 8.66 20.25 7.98
CA SER B 12 8.57 19.50 9.23
C SER B 12 7.15 19.39 9.76
N LEU B 13 6.29 18.64 9.07
CA LEU B 13 4.92 18.43 9.52
C LEU B 13 5.06 17.42 10.65
N SER B 14 4.31 17.61 11.73
CA SER B 14 4.40 16.71 12.89
C SER B 14 4.22 15.24 12.52
N SER B 15 3.23 14.98 11.68
CA SER B 15 2.90 13.64 11.25
C SER B 15 3.93 13.11 10.26
N GLU B 16 4.73 14.00 9.71
CA GLU B 16 5.74 13.57 8.75
C GLU B 16 6.89 13.03 9.54
N ALA B 17 7.29 13.77 10.56
CA ALA B 17 8.37 13.37 11.44
C ALA B 17 7.98 12.06 12.09
N LEU B 18 6.73 11.95 12.51
CA LEU B 18 6.25 10.73 13.17
C LEU B 18 6.26 9.55 12.21
N MET B 19 5.73 9.76 11.02
CA MET B 19 5.71 8.71 10.03
C MET B 19 7.12 8.19 9.75
N ARG B 20 8.07 9.09 9.64
CA ARG B 20 9.46 8.72 9.37
C ARG B 20 9.95 7.79 10.46
N ARG B 21 9.60 8.14 11.69
CA ARG B 21 9.97 7.37 12.86
C ARG B 21 9.30 6.00 12.83
N ALA B 22 8.00 5.98 12.53
CA ALA B 22 7.29 4.73 12.48
C ALA B 22 7.95 3.77 11.49
N VAL B 23 8.20 4.27 10.29
CA VAL B 23 8.81 3.50 9.21
C VAL B 23 10.18 2.97 9.63
N SER B 24 10.96 3.81 10.27
CA SER B 24 12.28 3.42 10.69
C SER B 24 12.19 2.28 11.69
N LEU B 25 11.35 2.43 12.72
CA LEU B 25 11.20 1.41 13.75
C LEU B 25 10.60 0.09 13.29
N VAL B 26 9.66 0.15 12.37
CA VAL B 26 9.02 -1.06 11.90
C VAL B 26 9.89 -1.79 10.89
N THR B 27 10.79 -1.10 10.20
CA THR B 27 11.64 -1.80 9.24
C THR B 27 12.67 -2.60 10.05
N ASP B 28 13.21 -2.02 11.10
CA ASP B 28 14.17 -2.71 11.92
C ASP B 28 13.50 -3.90 12.61
N SER B 29 12.33 -3.64 13.17
CA SER B 29 11.59 -4.64 13.90
C SER B 29 11.15 -5.84 13.08
N THR B 30 10.52 -5.60 11.92
CA THR B 30 10.05 -6.69 11.08
C THR B 30 11.25 -7.47 10.52
N SER B 31 12.39 -6.80 10.43
CA SER B 31 13.62 -7.38 9.92
C SER B 31 14.07 -8.51 10.84
N THR B 32 14.04 -8.21 12.14
CA THR B 32 14.41 -9.15 13.19
C THR B 32 13.46 -10.34 13.18
N ASP B 33 12.16 -10.07 13.26
CA ASP B 33 11.13 -11.11 13.24
C ASP B 33 11.12 -11.95 11.98
N LEU B 34 11.51 -11.38 10.85
CA LEU B 34 11.52 -12.14 9.62
C LEU B 34 12.69 -13.11 9.66
N SER B 35 13.85 -12.63 10.10
CA SER B 35 15.03 -13.48 10.21
C SER B 35 14.74 -14.60 11.19
N GLN B 36 14.24 -14.22 12.37
CA GLN B 36 13.90 -15.15 13.44
C GLN B 36 12.83 -16.19 13.09
N THR B 37 11.75 -15.79 12.42
CA THR B 37 10.72 -16.75 12.11
C THR B 37 11.11 -17.64 10.95
N THR B 38 11.96 -17.13 10.06
CA THR B 38 12.45 -17.90 8.91
C THR B 38 13.27 -19.08 9.47
N TYR B 39 14.19 -18.77 10.39
CA TYR B 39 15.00 -19.76 11.05
C TYR B 39 14.10 -20.82 11.74
N ALA B 40 13.20 -20.36 12.61
CA ALA B 40 12.28 -21.27 13.31
C ALA B 40 11.47 -22.15 12.37
N LEU B 41 11.05 -21.59 11.24
CA LEU B 41 10.25 -22.35 10.28
C LEU B 41 11.11 -23.34 9.48
N ILE B 42 12.30 -22.95 9.09
CA ILE B 42 13.14 -23.88 8.36
C ILE B 42 13.44 -25.06 9.30
N GLU B 43 13.84 -24.79 10.54
CA GLU B 43 14.13 -25.84 11.50
C GLU B 43 12.92 -26.77 11.68
N ALA B 44 11.71 -26.19 11.76
CA ALA B 44 10.49 -26.96 11.91
C ALA B 44 10.23 -27.85 10.68
N ILE B 45 10.48 -27.34 9.48
CA ILE B 45 10.25 -28.16 8.30
C ILE B 45 11.29 -29.29 8.25
N THR B 46 12.53 -28.98 8.64
CA THR B 46 13.60 -29.94 8.65
C THR B 46 13.24 -31.08 9.60
N GLU B 47 12.80 -30.77 10.81
CA GLU B 47 12.43 -31.82 11.74
C GLU B 47 11.23 -32.59 11.27
N TYR B 48 10.29 -31.94 10.60
CA TYR B 48 9.13 -32.67 10.09
C TYR B 48 9.58 -33.67 9.02
N THR B 49 10.45 -33.22 8.12
CA THR B 49 10.99 -34.08 7.04
C THR B 49 11.72 -35.30 7.65
N LYS B 50 12.44 -35.09 8.74
CA LYS B 50 13.14 -36.18 9.41
C LYS B 50 12.08 -37.21 9.83
N ALA B 51 10.96 -36.74 10.37
CA ALA B 51 9.89 -37.62 10.81
C ALA B 51 9.27 -38.36 9.64
N VAL B 52 9.21 -37.70 8.48
CA VAL B 52 8.63 -38.31 7.30
C VAL B 52 9.49 -39.42 6.74
N TYR B 53 10.81 -39.17 6.60
CA TYR B 53 11.68 -40.21 6.04
C TYR B 53 11.99 -41.32 7.04
N THR B 54 11.84 -41.04 8.32
CA THR B 54 12.05 -42.06 9.32
C THR B 54 10.87 -43.01 9.23
N LEU B 55 9.67 -42.47 9.06
CA LEU B 55 8.44 -43.26 8.94
C LEU B 55 8.50 -44.08 7.68
N THR B 56 9.01 -43.49 6.62
CA THR B 56 9.14 -44.14 5.32
C THR B 56 10.00 -45.41 5.44
N SER B 57 11.22 -45.28 5.94
CA SER B 57 12.12 -46.39 6.11
C SER B 57 11.47 -47.44 7.01
N LEU B 58 10.71 -46.99 8.01
CA LEU B 58 10.02 -47.90 8.91
C LEU B 58 9.03 -48.75 8.11
N TYR B 59 8.30 -48.10 7.21
CA TYR B 59 7.32 -48.81 6.39
C TYR B 59 8.04 -49.80 5.48
N ARG B 60 9.02 -49.31 4.72
CA ARG B 60 9.79 -50.15 3.81
C ARG B 60 10.36 -51.38 4.51
N GLN B 61 10.92 -51.20 5.70
CA GLN B 61 11.50 -52.32 6.43
C GLN B 61 10.43 -53.34 6.78
N TYR B 62 9.25 -52.84 7.09
CA TYR B 62 8.12 -53.68 7.44
C TYR B 62 7.69 -54.48 6.22
N THR B 63 7.64 -53.82 5.07
CA THR B 63 7.26 -54.47 3.83
C THR B 63 8.30 -55.49 3.41
N SER B 64 9.54 -55.29 3.86
CA SER B 64 10.62 -56.23 3.55
C SER B 64 10.50 -57.42 4.47
N LEU B 65 10.15 -57.16 5.72
CA LEU B 65 10.00 -58.22 6.72
C LEU B 65 8.64 -58.88 6.61
N LEU B 66 7.92 -58.64 5.52
CA LEU B 66 6.61 -59.26 5.36
C LEU B 66 6.77 -60.77 5.20
N GLY B 67 6.15 -61.51 6.12
CA GLY B 67 6.25 -62.96 6.09
C GLY B 67 7.36 -63.35 7.05
N LYS B 68 8.57 -62.86 6.77
CA LYS B 68 9.75 -63.09 7.58
C LYS B 68 9.40 -62.98 9.08
N MET B 69 8.61 -61.96 9.44
CA MET B 69 8.21 -61.75 10.83
C MET B 69 6.86 -62.41 11.09
N ASN B 70 6.59 -62.71 12.36
CA ASN B 70 5.35 -63.35 12.74
C ASN B 70 4.89 -62.98 14.15
N SER B 71 3.61 -62.69 14.29
CA SER B 71 3.01 -62.34 15.59
C SER B 71 3.74 -61.22 16.34
N GLU B 72 4.23 -61.54 17.53
CA GLU B 72 4.93 -60.58 18.38
C GLU B 72 5.98 -59.74 17.65
N GLU B 73 6.58 -60.31 16.61
CA GLU B 73 7.61 -59.62 15.85
C GLU B 73 6.99 -58.46 15.07
N GLU B 74 6.05 -58.79 14.19
CA GLU B 74 5.37 -57.76 13.40
C GLU B 74 4.77 -56.70 14.33
N ASP B 75 4.21 -57.16 15.45
CA ASP B 75 3.61 -56.23 16.39
C ASP B 75 4.58 -55.16 16.82
N GLU B 76 5.83 -55.56 17.05
CA GLU B 76 6.87 -54.63 17.47
C GLU B 76 7.08 -53.53 16.42
N VAL B 77 7.29 -53.94 15.18
CA VAL B 77 7.48 -52.99 14.10
C VAL B 77 6.32 -52.00 14.08
N TRP B 78 5.12 -52.53 14.30
CA TRP B 78 3.89 -51.74 14.30
C TRP B 78 3.68 -50.74 15.45
N GLN B 79 4.10 -51.11 16.64
CA GLN B 79 3.95 -50.21 17.77
C GLN B 79 4.83 -48.99 17.54
N VAL B 80 5.99 -49.22 16.92
CA VAL B 80 6.94 -48.18 16.60
C VAL B 80 6.42 -47.32 15.44
N ILE B 81 5.75 -47.95 14.48
CA ILE B 81 5.20 -47.25 13.33
C ILE B 81 4.14 -46.24 13.75
N ILE B 82 3.42 -46.57 14.82
CA ILE B 82 2.37 -45.72 15.35
C ILE B 82 2.94 -44.47 15.98
N GLY B 83 3.93 -44.63 16.83
CA GLY B 83 4.52 -43.47 17.47
C GLY B 83 5.17 -42.60 16.40
N ALA B 84 5.65 -43.23 15.33
CA ALA B 84 6.32 -42.50 14.24
C ALA B 84 5.28 -41.68 13.53
N ARG B 85 4.09 -42.24 13.41
CA ARG B 85 2.98 -41.59 12.76
C ARG B 85 2.60 -40.34 13.54
N ALA B 86 2.46 -40.50 14.86
CA ALA B 86 2.11 -39.41 15.75
C ALA B 86 3.16 -38.30 15.72
N GLU B 87 4.43 -38.71 15.80
CA GLU B 87 5.55 -37.79 15.77
C GLU B 87 5.57 -37.00 14.50
N MET B 88 5.25 -37.66 13.39
CA MET B 88 5.21 -36.99 12.10
C MET B 88 4.11 -35.94 12.12
N THR B 89 2.96 -36.34 12.66
CA THR B 89 1.81 -35.46 12.75
C THR B 89 2.06 -34.27 13.68
N SER B 90 2.69 -34.51 14.83
CA SER B 90 3.00 -33.43 15.79
C SER B 90 3.97 -32.41 15.21
N LYS B 91 4.92 -32.89 14.41
CA LYS B 91 5.93 -32.04 13.81
C LYS B 91 5.30 -31.24 12.66
N HIS B 92 4.30 -31.82 12.01
CA HIS B 92 3.62 -31.15 10.89
C HIS B 92 2.83 -29.97 11.43
N GLN B 93 2.15 -30.23 12.54
CA GLN B 93 1.36 -29.23 13.22
C GLN B 93 2.25 -28.12 13.77
N GLU B 94 3.44 -28.45 14.28
CA GLU B 94 4.31 -27.40 14.77
C GLU B 94 4.76 -26.50 13.62
N TYR B 95 5.07 -27.13 12.48
CA TYR B 95 5.55 -26.45 11.27
C TYR B 95 4.44 -25.56 10.67
N LEU B 96 3.23 -26.08 10.58
CA LEU B 96 2.12 -25.27 10.07
C LEU B 96 1.94 -24.02 10.94
N LYS B 97 2.04 -24.21 12.25
CA LYS B 97 1.92 -23.14 13.24
C LYS B 97 2.99 -22.06 13.04
N LEU B 98 4.25 -22.48 12.86
CA LEU B 98 5.34 -21.54 12.66
C LEU B 98 5.31 -20.91 11.26
N GLU B 99 4.60 -21.56 10.34
CA GLU B 99 4.51 -21.06 8.99
C GLU B 99 3.66 -19.79 8.97
N THR B 100 2.58 -19.84 9.74
CA THR B 100 1.67 -18.71 9.85
C THR B 100 2.35 -17.52 10.45
N THR B 101 3.13 -17.77 11.49
CA THR B 101 3.85 -16.71 12.16
C THR B 101 4.85 -16.11 11.20
N TRP B 102 5.40 -16.95 10.33
CA TRP B 102 6.39 -16.50 9.37
C TRP B 102 5.70 -15.64 8.31
N MET B 103 4.55 -16.10 7.83
CA MET B 103 3.79 -15.37 6.83
C MET B 103 3.40 -13.98 7.33
N THR B 104 3.04 -13.90 8.62
CA THR B 104 2.67 -12.65 9.27
C THR B 104 3.88 -11.76 9.23
N ALA B 105 5.06 -12.31 9.51
CA ALA B 105 6.30 -11.54 9.49
C ALA B 105 6.62 -11.05 8.06
N VAL B 106 6.27 -11.85 7.05
CA VAL B 106 6.52 -11.51 5.65
C VAL B 106 5.59 -10.35 5.24
N GLY B 107 4.31 -10.48 5.55
CA GLY B 107 3.37 -9.43 5.21
C GLY B 107 3.78 -8.10 5.83
N LEU B 108 4.12 -8.10 7.12
CA LEU B 108 4.50 -6.89 7.82
C LEU B 108 5.78 -6.30 7.24
N SER B 109 6.71 -7.19 6.88
CA SER B 109 7.98 -6.76 6.31
C SER B 109 7.74 -6.07 4.98
N GLU B 110 6.78 -6.57 4.22
CA GLU B 110 6.42 -5.98 2.92
C GLU B 110 5.73 -4.60 3.12
N MET B 111 4.96 -4.47 4.18
CA MET B 111 4.31 -3.20 4.49
C MET B 111 5.38 -2.16 4.84
N ALA B 112 6.36 -2.58 5.64
CA ALA B 112 7.45 -1.71 6.05
C ALA B 112 8.27 -1.28 4.85
N ALA B 113 8.51 -2.23 3.94
CA ALA B 113 9.30 -1.96 2.74
C ALA B 113 8.56 -0.96 1.86
N GLU B 114 7.26 -1.16 1.67
CA GLU B 114 6.45 -0.27 0.86
C GLU B 114 6.34 1.13 1.47
N ALA B 115 6.23 1.19 2.80
CA ALA B 115 6.13 2.47 3.49
C ALA B 115 7.45 3.24 3.43
N ALA B 116 8.58 2.51 3.50
CA ALA B 116 9.90 3.15 3.43
C ALA B 116 10.07 3.67 2.02
N TYR B 117 9.49 2.96 1.07
CA TYR B 117 9.56 3.40 -0.30
C TYR B 117 8.79 4.72 -0.41
N GLN B 118 7.53 4.71 0.03
CA GLN B 118 6.68 5.91 -0.02
C GLN B 118 7.28 7.14 0.66
N THR B 119 8.02 6.94 1.73
CA THR B 119 8.59 8.10 2.41
C THR B 119 9.97 8.46 1.89
N GLY B 120 10.37 7.85 0.78
CA GLY B 120 11.67 8.14 0.23
C GLY B 120 12.93 7.45 0.77
N ALA B 121 12.76 6.42 1.61
CA ALA B 121 13.90 5.68 2.15
C ALA B 121 14.11 4.46 1.26
N ASP B 122 14.54 4.73 0.03
CA ASP B 122 14.77 3.72 -1.00
C ASP B 122 15.71 2.59 -0.62
N GLN B 123 16.79 2.91 0.07
CA GLN B 123 17.75 1.89 0.48
C GLN B 123 17.13 0.90 1.47
N ALA B 124 16.59 1.43 2.58
CA ALA B 124 15.93 0.60 3.59
C ALA B 124 14.85 -0.22 2.92
N SER B 125 14.26 0.37 1.89
CA SER B 125 13.20 -0.23 1.10
C SER B 125 13.77 -1.43 0.32
N ILE B 126 14.92 -1.21 -0.31
CA ILE B 126 15.55 -2.24 -1.12
C ILE B 126 16.10 -3.39 -0.27
N THR B 127 16.86 -3.05 0.75
CA THR B 127 17.44 -4.03 1.67
C THR B 127 16.35 -4.95 2.17
N ALA B 128 15.24 -4.33 2.60
CA ALA B 128 14.08 -5.05 3.13
C ALA B 128 13.46 -5.96 2.07
N ARG B 129 13.33 -5.44 0.86
CA ARG B 129 12.76 -6.18 -0.25
C ARG B 129 13.61 -7.41 -0.62
N ASN B 130 14.93 -7.23 -0.49
CA ASN B 130 15.92 -8.29 -0.76
C ASN B 130 15.91 -9.40 0.33
N HIS B 131 15.81 -8.97 1.59
CA HIS B 131 15.76 -9.89 2.71
C HIS B 131 14.54 -10.76 2.52
N ILE B 132 13.43 -10.10 2.16
CA ILE B 132 12.16 -10.78 1.93
C ILE B 132 12.26 -11.84 0.85
N GLN B 133 12.86 -11.48 -0.28
CA GLN B 133 12.97 -12.39 -1.41
C GLN B 133 13.80 -13.63 -1.11
N LEU B 134 14.97 -13.41 -0.51
CA LEU B 134 15.89 -14.46 -0.14
C LEU B 134 15.22 -15.44 0.80
N VAL B 135 14.69 -14.90 1.89
CA VAL B 135 13.99 -15.70 2.88
C VAL B 135 12.92 -16.58 2.23
N LYS B 136 12.21 -16.04 1.26
CA LYS B 136 11.17 -16.84 0.61
C LYS B 136 11.81 -17.94 -0.23
N LEU B 137 12.93 -17.61 -0.85
CA LEU B 137 13.66 -18.56 -1.69
C LEU B 137 14.10 -19.76 -0.84
N GLN B 138 14.63 -19.49 0.35
CA GLN B 138 15.09 -20.52 1.28
C GLN B 138 13.99 -21.42 1.77
N VAL B 139 12.89 -20.83 2.26
CA VAL B 139 11.76 -21.60 2.74
C VAL B 139 11.14 -22.42 1.61
N GLU B 140 11.24 -21.90 0.39
CA GLU B 140 10.71 -22.57 -0.78
C GLU B 140 11.45 -23.88 -0.97
N GLU B 141 12.78 -23.83 -0.79
CA GLU B 141 13.65 -24.98 -0.94
C GLU B 141 13.44 -26.08 0.10
N VAL B 142 13.70 -25.78 1.37
CA VAL B 142 13.48 -26.78 2.40
C VAL B 142 12.08 -27.34 2.20
N HIS B 143 11.12 -26.50 1.80
CA HIS B 143 9.76 -27.01 1.62
C HIS B 143 9.69 -27.99 0.46
N GLN B 144 10.48 -27.73 -0.59
CA GLN B 144 10.47 -28.61 -1.74
C GLN B 144 11.01 -29.98 -1.35
N LEU B 145 12.06 -29.97 -0.54
CA LEU B 145 12.68 -31.19 -0.05
C LEU B 145 11.69 -32.01 0.78
N SER B 146 10.84 -31.34 1.56
CA SER B 146 9.86 -32.03 2.39
C SER B 146 8.75 -32.69 1.54
N ARG B 147 8.41 -32.10 0.40
CA ARG B 147 7.39 -32.69 -0.46
C ARG B 147 7.97 -33.96 -1.12
N LYS B 148 9.27 -33.98 -1.35
CA LYS B 148 9.93 -35.14 -1.95
C LYS B 148 9.77 -36.25 -0.93
N ALA B 149 10.16 -35.98 0.31
CA ALA B 149 10.02 -36.95 1.37
C ALA B 149 8.60 -37.49 1.39
N GLU B 150 7.61 -36.59 1.32
CA GLU B 150 6.20 -37.00 1.33
C GLU B 150 5.84 -37.86 0.11
N THR B 151 6.46 -37.59 -1.03
CA THR B 151 6.15 -38.40 -2.21
C THR B 151 6.58 -39.85 -1.90
N LYS B 152 7.74 -39.97 -1.26
CA LYS B 152 8.39 -41.21 -0.83
C LYS B 152 7.58 -41.99 0.17
N LEU B 153 7.01 -41.27 1.14
CA LEU B 153 6.18 -41.90 2.16
C LEU B 153 4.94 -42.46 1.50
N ALA B 154 4.44 -41.75 0.49
CA ALA B 154 3.25 -42.18 -0.21
C ALA B 154 3.51 -43.50 -0.92
N GLU B 155 4.68 -43.60 -1.55
CA GLU B 155 5.07 -44.80 -2.29
C GLU B 155 5.22 -46.03 -1.40
N ALA B 156 5.59 -45.83 -0.14
CA ALA B 156 5.76 -46.93 0.81
C ALA B 156 4.61 -46.89 1.81
N GLN B 157 3.52 -47.60 1.52
CA GLN B 157 2.35 -47.62 2.40
C GLN B 157 1.85 -49.04 2.74
N LEU C 19 3.14 12.88 -8.53
CA LEU C 19 2.13 13.97 -8.31
C LEU C 19 2.83 15.31 -8.20
N PRO C 20 2.26 16.38 -8.80
CA PRO C 20 2.94 17.67 -8.70
C PRO C 20 2.92 18.25 -7.29
N ARG C 21 3.91 19.07 -6.98
CA ARG C 21 3.97 19.72 -5.68
C ARG C 21 2.99 20.92 -5.64
N ASN C 22 2.59 21.38 -6.82
CA ASN C 22 1.65 22.49 -6.95
C ASN C 22 0.70 22.24 -8.10
N PRO C 23 -0.34 21.40 -7.87
CA PRO C 23 -1.34 21.06 -8.88
C PRO C 23 -2.05 22.27 -9.48
N SER C 24 -2.16 23.34 -8.69
CA SER C 24 -2.81 24.56 -9.15
C SER C 24 -2.06 25.21 -10.30
N MET C 25 -0.78 24.88 -10.46
CA MET C 25 0.01 25.46 -11.54
C MET C 25 0.26 24.43 -12.65
N ALA C 26 -0.51 23.36 -12.67
CA ALA C 26 -0.34 22.31 -13.68
C ALA C 26 -0.72 22.83 -15.06
N ASP C 27 -1.50 23.90 -15.11
CA ASP C 27 -1.93 24.45 -16.38
C ASP C 27 -0.96 25.47 -16.92
N TYR C 28 -0.83 25.49 -18.24
CA TYR C 28 0.06 26.45 -18.89
C TYR C 28 -0.42 27.88 -18.68
N GLU C 29 -1.72 28.10 -18.82
CA GLU C 29 -2.28 29.44 -18.66
C GLU C 29 -2.12 29.95 -17.24
N ALA C 30 -2.20 29.04 -16.27
CA ALA C 30 -2.00 29.43 -14.89
C ALA C 30 -0.55 29.89 -14.72
N ARG C 31 0.40 29.12 -15.26
CA ARG C 31 1.81 29.46 -15.13
C ARG C 31 2.19 30.72 -15.91
N ILE C 32 1.68 30.86 -17.13
CA ILE C 32 2.05 32.03 -17.90
C ILE C 32 1.47 33.29 -17.31
N PHE C 33 0.34 33.18 -16.64
CA PHE C 33 -0.28 34.33 -16.01
C PHE C 33 0.66 34.98 -14.99
N THR C 34 1.61 34.20 -14.46
CA THR C 34 2.56 34.71 -13.46
C THR C 34 3.71 35.57 -14.03
N PHE C 35 3.84 35.60 -15.36
CA PHE C 35 4.89 36.38 -16.06
C PHE C 35 4.30 37.65 -16.71
N GLY C 36 3.18 38.11 -16.18
CA GLY C 36 2.52 39.31 -16.70
C GLY C 36 3.47 40.48 -16.88
N THR C 37 4.32 40.71 -15.89
CA THR C 37 5.32 41.78 -15.94
C THR C 37 6.70 41.11 -15.75
N TRP C 38 7.27 40.71 -16.88
CA TRP C 38 8.54 40.01 -16.94
C TRP C 38 9.55 40.92 -17.63
N ILE C 39 10.62 41.29 -16.94
CA ILE C 39 11.61 42.19 -17.55
C ILE C 39 12.87 41.50 -18.09
N TYR C 40 12.87 40.18 -18.17
CA TYR C 40 14.04 39.43 -18.62
C TYR C 40 13.95 38.96 -20.05
N SER C 41 15.11 38.73 -20.69
CA SER C 41 15.09 38.24 -22.07
C SER C 41 14.66 36.77 -22.15
N VAL C 42 14.95 35.95 -21.14
CA VAL C 42 14.50 34.54 -21.15
C VAL C 42 13.02 34.54 -21.53
N ASN C 43 12.63 33.75 -22.51
CA ASN C 43 11.23 33.78 -22.92
C ASN C 43 10.26 33.19 -21.91
N LYS C 44 9.21 33.94 -21.57
CA LYS C 44 8.22 33.46 -20.59
C LYS C 44 7.28 32.39 -21.11
N GLU C 45 7.01 32.36 -22.40
CA GLU C 45 6.14 31.31 -22.92
C GLU C 45 6.89 29.98 -22.85
N GLN C 46 8.18 30.01 -23.17
CA GLN C 46 9.04 28.83 -23.15
C GLN C 46 9.19 28.35 -21.71
N LEU C 47 9.37 29.30 -20.79
CA LEU C 47 9.50 28.94 -19.38
C LEU C 47 8.24 28.25 -18.91
N ALA C 48 7.09 28.82 -19.28
CA ALA C 48 5.80 28.26 -18.89
C ALA C 48 5.56 26.89 -19.53
N ARG C 49 6.05 26.73 -20.75
CA ARG C 49 5.90 25.48 -21.46
C ARG C 49 6.75 24.39 -20.79
N ALA C 50 7.91 24.79 -20.26
CA ALA C 50 8.83 23.89 -19.59
C ALA C 50 8.43 23.62 -18.13
N GLY C 51 7.21 24.02 -17.77
CA GLY C 51 6.69 23.81 -16.44
C GLY C 51 6.98 24.83 -15.37
N PHE C 52 7.58 25.96 -15.73
CA PHE C 52 7.92 26.94 -14.71
C PHE C 52 6.90 28.09 -14.57
N TYR C 53 6.83 28.66 -13.37
CA TYR C 53 5.98 29.82 -13.11
C TYR C 53 6.88 30.79 -12.34
N ALA C 54 6.68 32.09 -12.50
CA ALA C 54 7.52 33.07 -11.80
C ALA C 54 7.25 33.05 -10.28
N LEU C 55 8.30 33.28 -9.48
CA LEU C 55 8.15 33.26 -8.02
C LEU C 55 7.83 34.67 -7.54
N GLY C 56 7.96 35.63 -8.45
CA GLY C 56 7.64 36.98 -8.06
C GLY C 56 8.82 37.73 -7.48
N GLU C 57 10.02 37.24 -7.73
CA GLU C 57 11.19 37.94 -7.27
C GLU C 57 12.37 37.63 -8.19
N GLY C 58 12.88 38.68 -8.84
CA GLY C 58 13.99 38.50 -9.75
C GLY C 58 13.49 37.65 -10.89
N ASP C 59 14.37 36.83 -11.45
CA ASP C 59 13.97 35.95 -12.55
C ASP C 59 13.79 34.53 -12.04
N LYS C 60 13.54 34.41 -10.74
CA LYS C 60 13.33 33.13 -10.10
C LYS C 60 12.05 32.47 -10.56
N VAL C 61 12.18 31.21 -10.96
CA VAL C 61 11.06 30.42 -11.41
C VAL C 61 11.16 29.07 -10.72
N LYS C 62 10.06 28.34 -10.72
CA LYS C 62 10.02 27.04 -10.08
C LYS C 62 9.12 26.14 -10.87
N CYS C 63 9.43 24.85 -10.95
CA CYS C 63 8.55 23.92 -11.67
C CYS C 63 7.34 23.51 -10.84
N PHE C 64 6.16 23.56 -11.44
CA PHE C 64 4.93 23.22 -10.75
C PHE C 64 4.90 21.77 -10.27
N HIS C 65 5.68 20.92 -10.94
CA HIS C 65 5.71 19.50 -10.60
C HIS C 65 6.78 19.06 -9.62
N CYS C 66 8.04 19.20 -10.01
CA CYS C 66 9.14 18.77 -9.16
C CYS C 66 9.51 19.77 -8.09
N GLY C 67 8.98 21.00 -8.20
CA GLY C 67 9.30 22.03 -7.23
C GLY C 67 10.69 22.60 -7.41
N GLY C 68 11.37 22.24 -8.50
CA GLY C 68 12.71 22.74 -8.70
C GLY C 68 12.76 24.20 -9.14
N GLY C 69 13.59 24.97 -8.45
CA GLY C 69 13.72 26.39 -8.74
C GLY C 69 15.00 26.77 -9.43
N LEU C 70 14.88 27.71 -10.35
CA LEU C 70 16.02 28.18 -11.11
C LEU C 70 16.09 29.71 -11.07
N THR C 71 17.31 30.26 -11.01
CA THR C 71 17.56 31.71 -11.00
C THR C 71 18.76 32.03 -11.89
N ASP C 72 19.13 33.30 -11.95
CA ASP C 72 20.28 33.69 -12.74
C ASP C 72 20.24 33.16 -14.16
N TRP C 73 19.15 33.40 -14.87
CA TRP C 73 19.08 32.92 -16.23
C TRP C 73 20.09 33.66 -17.11
N LYS C 74 20.28 33.18 -18.33
CA LYS C 74 21.20 33.83 -19.24
C LYS C 74 20.39 34.35 -20.42
N PRO C 75 20.97 35.27 -21.20
CA PRO C 75 20.24 35.83 -22.35
C PRO C 75 19.48 34.80 -23.19
N SER C 76 20.22 33.97 -23.95
CA SER C 76 19.61 32.94 -24.79
C SER C 76 19.78 31.57 -24.13
N GLU C 77 18.83 31.21 -23.28
CA GLU C 77 18.88 29.94 -22.58
C GLU C 77 17.63 29.15 -22.82
N ASP C 78 17.79 27.84 -22.93
CA ASP C 78 16.67 26.94 -23.17
C ASP C 78 16.12 26.41 -21.84
N PRO C 79 14.93 26.87 -21.42
CA PRO C 79 14.33 26.40 -20.16
C PRO C 79 14.20 24.87 -20.03
N TRP C 80 13.81 24.18 -21.09
CA TRP C 80 13.71 22.72 -21.02
C TRP C 80 15.10 22.15 -20.82
N GLU C 81 16.09 22.73 -21.51
CA GLU C 81 17.45 22.27 -21.37
C GLU C 81 17.88 22.39 -19.92
N GLN C 82 17.44 23.45 -19.27
CA GLN C 82 17.82 23.67 -17.89
C GLN C 82 16.99 22.83 -16.92
N HIS C 83 15.76 22.48 -17.27
CA HIS C 83 15.06 21.67 -16.32
C HIS C 83 15.69 20.28 -16.31
N ALA C 84 16.00 19.77 -17.50
CA ALA C 84 16.63 18.46 -17.64
C ALA C 84 18.04 18.48 -17.01
N LYS C 85 18.75 19.59 -17.14
CA LYS C 85 20.09 19.69 -16.57
C LYS C 85 20.09 19.59 -15.05
N TRP C 86 19.33 20.49 -14.42
CA TRP C 86 19.26 20.56 -12.98
C TRP C 86 18.32 19.62 -12.24
N TYR C 87 17.22 19.24 -12.89
CA TYR C 87 16.21 18.40 -12.26
C TYR C 87 15.79 17.26 -13.18
N PRO C 88 16.76 16.40 -13.54
CA PRO C 88 16.52 15.27 -14.42
C PRO C 88 15.45 14.32 -13.93
N GLY C 89 15.21 14.32 -12.63
CA GLY C 89 14.23 13.43 -12.07
C GLY C 89 12.77 13.85 -12.17
N CYS C 90 12.51 15.07 -12.64
CA CYS C 90 11.14 15.58 -12.77
C CYS C 90 10.32 14.75 -13.74
N LYS C 91 9.23 14.21 -13.25
CA LYS C 91 8.39 13.37 -14.09
C LYS C 91 7.55 14.16 -15.08
N TYR C 92 7.47 15.48 -14.90
CA TYR C 92 6.71 16.29 -15.86
C TYR C 92 7.63 16.42 -17.10
N LEU C 93 8.92 16.59 -16.80
CA LEU C 93 9.98 16.71 -17.77
C LEU C 93 10.08 15.49 -18.67
N LEU C 94 10.03 14.28 -18.10
CA LEU C 94 10.15 13.11 -18.97
C LEU C 94 8.86 12.85 -19.72
N GLU C 95 7.75 13.20 -19.10
CA GLU C 95 6.48 13.01 -19.76
C GLU C 95 6.42 13.89 -21.02
N GLN C 96 7.09 15.03 -20.99
CA GLN C 96 7.07 15.97 -22.11
C GLN C 96 8.24 15.82 -23.09
N LYS C 97 9.41 15.50 -22.55
CA LYS C 97 10.62 15.36 -23.35
C LYS C 97 11.17 13.95 -23.54
N GLY C 98 10.74 13.00 -22.70
CA GLY C 98 11.22 11.63 -22.80
C GLY C 98 12.58 11.46 -22.17
N GLN C 99 12.96 10.21 -21.92
CA GLN C 99 14.25 9.93 -21.28
C GLN C 99 15.51 10.18 -22.12
N GLU C 100 15.43 9.92 -23.42
CA GLU C 100 16.60 10.13 -24.27
C GLU C 100 16.98 11.60 -24.25
N TYR C 101 15.97 12.48 -24.27
CA TYR C 101 16.24 13.92 -24.21
C TYR C 101 17.03 14.30 -22.96
N ILE C 102 16.55 13.87 -21.80
CA ILE C 102 17.21 14.18 -20.54
C ILE C 102 18.61 13.59 -20.53
N ASN C 103 18.73 12.36 -21.04
CA ASN C 103 19.99 11.63 -21.10
C ASN C 103 20.99 12.33 -22.00
N ASN C 104 20.52 12.82 -23.13
CA ASN C 104 21.40 13.52 -24.05
C ASN C 104 21.94 14.78 -23.39
N ILE C 105 21.10 15.42 -22.58
CA ILE C 105 21.52 16.64 -21.90
C ILE C 105 22.68 16.32 -20.94
N HIS C 106 22.68 15.10 -20.41
CA HIS C 106 23.73 14.67 -19.48
C HIS C 106 24.90 14.02 -20.18
N LEU C 107 25.22 14.61 -21.32
CA LEU C 107 26.32 14.23 -22.20
C LEU C 107 26.59 15.51 -22.96
N LEU D 19 -2.62 -12.68 1.32
CA LEU D 19 -1.53 -13.68 1.64
C LEU D 19 -2.08 -14.86 2.44
N PRO D 20 -1.79 -16.10 1.98
CA PRO D 20 -2.24 -17.35 2.64
C PRO D 20 -1.58 -17.59 3.97
N ARG D 21 -2.33 -18.11 4.93
CA ARG D 21 -1.75 -18.40 6.24
C ARG D 21 -0.78 -19.59 6.17
N ASN D 22 -1.04 -20.49 5.24
CA ASN D 22 -0.24 -21.69 5.04
C ASN D 22 0.00 -21.95 3.56
N PRO D 23 0.93 -21.20 2.97
CA PRO D 23 1.19 -21.42 1.55
C PRO D 23 1.65 -22.87 1.27
N SER D 24 2.19 -23.55 2.28
CA SER D 24 2.67 -24.93 2.09
C SER D 24 1.56 -25.88 1.61
N MET D 25 0.31 -25.46 1.84
CA MET D 25 -0.83 -26.26 1.45
C MET D 25 -1.56 -25.63 0.29
N ALA D 26 -0.87 -24.74 -0.40
CA ALA D 26 -1.45 -24.04 -1.55
C ALA D 26 -1.77 -24.98 -2.69
N ASP D 27 -1.03 -26.08 -2.81
CA ASP D 27 -1.25 -27.03 -3.89
C ASP D 27 -2.26 -28.09 -3.56
N TYR D 28 -3.13 -28.35 -4.52
CA TYR D 28 -4.16 -29.37 -4.38
C TYR D 28 -3.57 -30.71 -3.96
N GLU D 29 -2.46 -31.06 -4.61
CA GLU D 29 -1.75 -32.30 -4.33
C GLU D 29 -1.39 -32.38 -2.85
N ALA D 30 -0.87 -31.28 -2.31
CA ALA D 30 -0.50 -31.21 -0.88
C ALA D 30 -1.71 -31.44 0.01
N ARG D 31 -2.85 -30.89 -0.40
CA ARG D 31 -4.07 -31.02 0.37
C ARG D 31 -4.69 -32.41 0.32
N ILE D 32 -5.01 -32.96 -0.85
CA ILE D 32 -5.61 -34.32 -0.85
C ILE D 32 -4.72 -35.37 -0.17
N PHE D 33 -3.42 -35.11 -0.10
CA PHE D 33 -2.52 -36.06 0.53
C PHE D 33 -2.86 -36.17 2.02
N THR D 34 -3.39 -35.09 2.61
CA THR D 34 -3.74 -35.14 4.01
C THR D 34 -5.03 -35.94 4.20
N PHE D 35 -5.74 -36.27 3.12
CA PHE D 35 -6.97 -37.03 3.26
C PHE D 35 -6.72 -38.51 2.93
N GLY D 36 -5.46 -38.92 2.99
CA GLY D 36 -5.11 -40.31 2.67
C GLY D 36 -6.03 -41.34 3.26
N THR D 37 -6.25 -41.28 4.58
CA THR D 37 -7.11 -42.21 5.29
C THR D 37 -8.45 -41.65 5.70
N TRP D 38 -8.94 -40.61 5.02
CA TRP D 38 -10.22 -40.03 5.32
C TRP D 38 -11.27 -41.13 5.42
N ILE D 39 -11.90 -41.26 6.59
CA ILE D 39 -12.92 -42.27 6.78
C ILE D 39 -14.34 -41.71 6.58
N TYR D 40 -14.45 -40.39 6.43
CA TYR D 40 -15.76 -39.75 6.26
C TYR D 40 -16.29 -39.66 4.84
N SER D 41 -17.62 -39.61 4.73
CA SER D 41 -18.28 -39.52 3.43
C SER D 41 -18.25 -38.12 2.81
N VAL D 42 -17.92 -37.07 3.58
CA VAL D 42 -17.83 -35.71 2.99
C VAL D 42 -16.72 -35.92 1.98
N ASN D 43 -17.04 -35.66 0.72
CA ASN D 43 -16.09 -35.84 -0.37
C ASN D 43 -14.74 -35.18 -0.16
N LYS D 44 -13.67 -35.97 -0.08
CA LYS D 44 -12.35 -35.39 0.13
C LYS D 44 -11.79 -34.61 -1.08
N GLU D 45 -12.23 -34.95 -2.28
CA GLU D 45 -11.79 -34.23 -3.47
C GLU D 45 -12.31 -32.80 -3.40
N GLN D 46 -13.61 -32.68 -3.13
CA GLN D 46 -14.24 -31.36 -3.05
C GLN D 46 -13.71 -30.52 -1.91
N LEU D 47 -13.44 -31.18 -0.78
CA LEU D 47 -12.91 -30.49 0.36
C LEU D 47 -11.57 -29.93 -0.06
N ALA D 48 -10.75 -30.75 -0.71
CA ALA D 48 -9.43 -30.33 -1.15
C ALA D 48 -9.48 -29.26 -2.25
N ARG D 49 -10.38 -29.43 -3.19
CA ARG D 49 -10.52 -28.47 -4.26
C ARG D 49 -10.93 -27.11 -3.67
N ALA D 50 -11.70 -27.17 -2.58
CA ALA D 50 -12.19 -25.99 -1.88
C ALA D 50 -11.16 -25.41 -0.93
N GLY D 51 -9.90 -25.85 -1.06
CA GLY D 51 -8.83 -25.31 -0.23
C GLY D 51 -8.64 -25.90 1.14
N PHE D 52 -9.40 -26.95 1.46
CA PHE D 52 -9.26 -27.59 2.78
C PHE D 52 -8.28 -28.77 2.81
N TYR D 53 -7.55 -28.85 3.91
CA TYR D 53 -6.62 -29.94 4.13
C TYR D 53 -7.02 -30.51 5.51
N ALA D 54 -6.94 -31.84 5.69
CA ALA D 54 -7.34 -32.43 6.97
C ALA D 54 -6.41 -32.07 8.11
N LEU D 55 -6.94 -31.97 9.32
CA LEU D 55 -6.11 -31.61 10.46
C LEU D 55 -5.66 -32.85 11.22
N GLY D 56 -6.16 -34.01 10.81
CA GLY D 56 -5.81 -35.26 11.43
C GLY D 56 -6.45 -35.41 12.79
N GLU D 57 -7.67 -34.92 12.90
CA GLU D 57 -8.42 -35.02 14.15
C GLU D 57 -9.89 -34.93 13.77
N GLY D 58 -10.58 -36.06 13.83
CA GLY D 58 -11.98 -36.10 13.45
C GLY D 58 -12.08 -35.64 12.02
N ASP D 59 -13.22 -35.05 11.65
CA ASP D 59 -13.40 -34.55 10.30
C ASP D 59 -13.04 -33.06 10.21
N LYS D 60 -12.10 -32.64 11.08
CA LYS D 60 -11.63 -31.27 11.16
C LYS D 60 -10.69 -30.90 10.02
N VAL D 61 -11.08 -29.88 9.25
CA VAL D 61 -10.33 -29.38 8.10
C VAL D 61 -10.10 -27.90 8.29
N LYS D 62 -9.21 -27.35 7.47
CA LYS D 62 -8.86 -25.95 7.56
C LYS D 62 -8.51 -25.44 6.17
N CYS D 63 -8.82 -24.19 5.88
CA CYS D 63 -8.45 -23.66 4.58
C CYS D 63 -7.01 -23.16 4.68
N PHE D 64 -6.21 -23.48 3.67
CA PHE D 64 -4.81 -23.07 3.61
C PHE D 64 -4.64 -21.54 3.53
N HIS D 65 -5.59 -20.87 2.86
CA HIS D 65 -5.53 -19.42 2.67
C HIS D 65 -6.08 -18.60 3.82
N CYS D 66 -7.36 -18.69 4.08
CA CYS D 66 -7.95 -17.91 5.17
C CYS D 66 -7.69 -18.53 6.53
N GLY D 67 -7.39 -19.82 6.57
CA GLY D 67 -7.14 -20.45 7.85
C GLY D 67 -8.43 -20.75 8.59
N GLY D 68 -9.52 -20.79 7.84
CA GLY D 68 -10.80 -21.04 8.48
C GLY D 68 -11.00 -22.52 8.70
N GLY D 69 -11.31 -22.90 9.96
CA GLY D 69 -11.53 -24.29 10.27
C GLY D 69 -12.99 -24.72 10.31
N LEU D 70 -13.25 -25.96 9.87
CA LEU D 70 -14.60 -26.53 9.86
C LEU D 70 -14.60 -27.97 10.40
N THR D 71 -15.63 -28.31 11.18
CA THR D 71 -15.84 -29.64 11.80
C THR D 71 -17.31 -30.02 11.76
N ASP D 72 -17.61 -31.28 12.05
CA ASP D 72 -18.99 -31.76 12.09
C ASP D 72 -19.73 -31.65 10.77
N TRP D 73 -19.08 -32.15 9.72
CA TRP D 73 -19.63 -32.17 8.40
C TRP D 73 -20.82 -33.11 8.27
N LYS D 74 -21.65 -32.87 7.27
CA LYS D 74 -22.78 -33.74 6.98
C LYS D 74 -22.35 -34.25 5.59
N PRO D 75 -22.56 -35.55 5.31
CA PRO D 75 -22.17 -36.13 4.02
C PRO D 75 -22.64 -35.37 2.75
N SER D 76 -23.89 -34.94 2.74
CA SER D 76 -24.47 -34.22 1.60
C SER D 76 -24.04 -32.76 1.43
N GLU D 77 -23.31 -32.22 2.41
CA GLU D 77 -22.84 -30.82 2.37
C GLU D 77 -21.80 -30.54 1.29
N ASP D 78 -21.89 -29.33 0.73
CA ASP D 78 -21.00 -28.79 -0.32
C ASP D 78 -19.90 -27.97 0.37
N PRO D 79 -18.64 -28.43 0.30
CA PRO D 79 -17.52 -27.70 0.94
C PRO D 79 -17.31 -26.25 0.50
N TRP D 80 -17.55 -25.96 -0.76
CA TRP D 80 -17.41 -24.61 -1.28
C TRP D 80 -18.47 -23.73 -0.59
N GLU D 81 -19.70 -24.24 -0.54
CA GLU D 81 -20.82 -23.53 0.08
C GLU D 81 -20.53 -23.18 1.54
N GLN D 82 -19.91 -24.10 2.26
CA GLN D 82 -19.63 -23.92 3.68
C GLN D 82 -18.45 -22.94 3.86
N HIS D 83 -17.55 -22.89 2.88
CA HIS D 83 -16.38 -22.05 2.88
C HIS D 83 -16.95 -20.64 2.85
N ALA D 84 -17.85 -20.42 1.90
CA ALA D 84 -18.55 -19.16 1.57
C ALA D 84 -19.45 -18.77 2.72
N LYS D 85 -20.16 -19.75 3.28
CA LYS D 85 -21.06 -19.46 4.40
C LYS D 85 -20.32 -18.92 5.59
N TRP D 86 -19.34 -19.68 6.05
CA TRP D 86 -18.54 -19.33 7.24
C TRP D 86 -17.37 -18.38 7.08
N TYR D 87 -16.70 -18.40 5.93
CA TYR D 87 -15.54 -17.55 5.69
C TYR D 87 -15.64 -16.81 4.35
N PRO D 88 -16.70 -15.98 4.18
CA PRO D 88 -16.92 -15.24 2.94
C PRO D 88 -15.79 -14.29 2.59
N GLY D 89 -14.98 -13.94 3.57
CA GLY D 89 -13.90 -13.03 3.31
C GLY D 89 -12.62 -13.67 2.83
N CYS D 90 -12.68 -14.96 2.47
CA CYS D 90 -11.48 -15.66 2.01
C CYS D 90 -11.10 -15.27 0.59
N LYS D 91 -9.86 -14.82 0.43
CA LYS D 91 -9.35 -14.40 -0.88
C LYS D 91 -9.25 -15.55 -1.86
N TYR D 92 -8.99 -16.76 -1.35
CA TYR D 92 -8.88 -17.91 -2.23
C TYR D 92 -10.27 -18.25 -2.75
N LEU D 93 -11.26 -18.15 -1.87
CA LEU D 93 -12.64 -18.43 -2.25
C LEU D 93 -13.12 -17.40 -3.28
N LEU D 94 -12.66 -16.16 -3.12
CA LEU D 94 -13.03 -15.07 -4.03
C LEU D 94 -12.49 -15.27 -5.44
N GLU D 95 -11.21 -15.56 -5.54
CA GLU D 95 -10.62 -15.76 -6.86
C GLU D 95 -11.15 -17.04 -7.50
N GLN D 96 -11.46 -18.04 -6.68
CA GLN D 96 -11.94 -19.32 -7.20
C GLN D 96 -13.42 -19.38 -7.59
N LYS D 97 -14.27 -18.65 -6.87
CA LYS D 97 -15.71 -18.70 -7.15
C LYS D 97 -16.38 -17.38 -7.58
N GLY D 98 -15.69 -16.27 -7.34
CA GLY D 98 -16.27 -14.98 -7.69
C GLY D 98 -17.18 -14.48 -6.58
N GLN D 99 -17.29 -13.17 -6.48
CA GLN D 99 -18.13 -12.50 -5.48
C GLN D 99 -19.62 -12.85 -5.56
N GLU D 100 -20.16 -12.97 -6.76
CA GLU D 100 -21.58 -13.32 -6.92
C GLU D 100 -21.90 -14.60 -6.12
N TYR D 101 -21.05 -15.60 -6.32
CA TYR D 101 -21.19 -16.89 -5.66
C TYR D 101 -21.28 -16.71 -4.15
N ILE D 102 -20.32 -15.98 -3.60
CA ILE D 102 -20.26 -15.72 -2.16
C ILE D 102 -21.53 -15.06 -1.65
N ASN D 103 -21.88 -13.93 -2.26
CA ASN D 103 -23.09 -13.15 -1.91
C ASN D 103 -24.33 -14.00 -2.00
N ASN D 104 -24.47 -14.74 -3.10
CA ASN D 104 -25.63 -15.59 -3.25
C ASN D 104 -25.73 -16.64 -2.15
N ILE D 105 -24.59 -17.19 -1.71
CA ILE D 105 -24.57 -18.17 -0.62
C ILE D 105 -25.07 -17.53 0.70
N HIS D 106 -24.85 -16.22 0.86
CA HIS D 106 -25.33 -15.51 2.06
C HIS D 106 -26.85 -15.64 2.04
N LEU D 107 -27.43 -15.52 0.86
CA LEU D 107 -28.86 -15.72 0.76
C LEU D 107 -28.75 -17.20 0.49
N THR D 108 -29.86 -17.92 0.41
CA THR D 108 -29.75 -19.33 0.07
C THR D 108 -29.30 -20.32 1.16
N HIS D 109 -28.22 -20.02 1.88
CA HIS D 109 -27.70 -20.90 2.92
C HIS D 109 -28.66 -21.47 3.97
N SER D 110 -29.73 -20.77 4.30
CA SER D 110 -30.65 -21.30 5.29
C SER D 110 -31.52 -22.33 4.59
N LEU D 111 -31.89 -22.02 3.35
CA LEU D 111 -32.71 -22.93 2.58
C LEU D 111 -31.88 -24.17 2.27
N GLU D 112 -30.61 -23.96 1.93
CA GLU D 112 -29.70 -25.06 1.64
C GLU D 112 -29.61 -25.99 2.87
N GLU D 113 -29.63 -25.42 4.08
CA GLU D 113 -29.58 -26.21 5.31
C GLU D 113 -30.84 -27.07 5.40
N CYS D 114 -32.01 -26.46 5.23
CA CYS D 114 -33.29 -27.19 5.30
C CYS D 114 -33.27 -28.38 4.36
N LEU D 115 -32.67 -28.20 3.18
CA LEU D 115 -32.59 -29.24 2.17
C LEU D 115 -31.69 -30.39 2.63
N VAL D 116 -30.47 -30.02 3.05
CA VAL D 116 -29.48 -31.00 3.48
C VAL D 116 -29.95 -31.79 4.69
N ARG D 117 -30.84 -31.18 5.49
CA ARG D 117 -31.39 -31.81 6.69
C ARG D 117 -32.33 -32.96 6.38
N THR D 118 -32.77 -33.09 5.13
CA THR D 118 -33.66 -34.19 4.73
C THR D 118 -32.86 -35.48 4.57
N THR D 119 -31.55 -35.35 4.75
CA THR D 119 -30.59 -36.45 4.70
C THR D 119 -30.29 -36.85 6.16
N GLU D 120 -30.85 -36.05 7.08
CA GLU D 120 -30.74 -36.19 8.54
C GLU D 120 -29.49 -35.49 9.11
#